data_3R1W
#
_entry.id   3R1W
#
_cell.length_a   54.071
_cell.length_b   89.943
_cell.length_c   54.720
_cell.angle_alpha   90.00
_cell.angle_beta   96.37
_cell.angle_gamma   90.00
#
_symmetry.space_group_name_H-M   'P 1 21 1'
#
loop_
_entity.id
_entity.type
_entity.pdbx_description
1 polymer 'carbonic anhydrase'
2 water water
#
_entity_poly.entity_id   1
_entity_poly.type   'polypeptide(L)'
_entity_poly.pdbx_seq_one_letter_code
;MSDQSGKLLTSVRTYQGISPKLGERVFVDRSSVIIGDVELGDDCSVWPLAVIRGDMHHIRIGARTSVQDGSVLHITHASD
YNPGGYPLIIGDDVTIGHQAMLHGCTIGNRVLIGMKSMIMDGAIVEDEVIVAAGATVSPGKVLESGFVYMGTPAKKVRPI
TEKERSFFTYGAGNYVRLKDKHLAEGYDR
;
_entity_poly.pdbx_strand_id   A,B,C
#
# COMPACT_ATOMS: atom_id res chain seq x y z
N THR A 10 18.88 -2.96 -8.35
CA THR A 10 18.27 -4.22 -7.93
C THR A 10 16.74 -4.20 -8.07
N SER A 11 16.25 -3.45 -9.05
CA SER A 11 14.82 -3.42 -9.33
C SER A 11 14.34 -4.59 -10.18
N VAL A 12 15.27 -5.25 -10.87
CA VAL A 12 14.93 -6.38 -11.72
C VAL A 12 15.86 -7.54 -11.39
N ARG A 13 15.33 -8.51 -10.64
CA ARG A 13 16.18 -9.48 -9.97
C ARG A 13 16.04 -10.88 -10.51
N THR A 14 17.18 -11.53 -10.75
CA THR A 14 17.20 -12.93 -11.11
C THR A 14 16.93 -13.78 -9.86
N TYR A 15 16.12 -14.82 -10.02
CA TYR A 15 15.74 -15.68 -8.92
C TYR A 15 15.89 -17.13 -9.35
N GLN A 16 16.77 -17.85 -8.66
CA GLN A 16 17.04 -19.25 -8.99
C GLN A 16 17.33 -19.40 -10.49
N GLY A 17 18.15 -18.50 -11.01
CA GLY A 17 18.57 -18.57 -12.40
C GLY A 17 17.58 -18.04 -13.42
N ILE A 18 16.40 -17.65 -12.97
CA ILE A 18 15.38 -17.08 -13.86
C ILE A 18 15.37 -15.56 -13.79
N SER A 19 15.57 -14.90 -14.94
CA SER A 19 15.59 -13.45 -15.00
C SER A 19 14.32 -12.92 -15.67
N PRO A 20 13.73 -11.86 -15.09
CA PRO A 20 12.56 -11.25 -15.76
C PRO A 20 12.85 -10.94 -17.22
N LYS A 21 11.86 -11.17 -18.08
CA LYS A 21 12.00 -10.91 -19.50
C LYS A 21 11.27 -9.62 -19.83
N LEU A 22 12.00 -8.63 -20.33
CA LEU A 22 11.41 -7.32 -20.62
C LEU A 22 11.31 -7.10 -22.12
N GLY A 23 10.14 -6.64 -22.58
CA GLY A 23 9.95 -6.34 -23.99
C GLY A 23 10.58 -5.02 -24.38
N GLU A 24 10.22 -4.52 -25.55
CA GLU A 24 10.78 -3.28 -26.06
C GLU A 24 10.26 -2.07 -25.29
N ARG A 25 11.17 -1.17 -24.90
CA ARG A 25 10.80 0.10 -24.30
C ARG A 25 10.04 -0.06 -22.97
N VAL A 26 10.32 -1.13 -22.25
CA VAL A 26 9.68 -1.30 -20.94
C VAL A 26 10.30 -0.33 -19.92
N PHE A 27 9.46 0.32 -19.13
CA PHE A 27 9.92 1.17 -18.04
C PHE A 27 9.71 0.47 -16.71
N VAL A 28 10.79 0.29 -15.97
CA VAL A 28 10.68 -0.18 -14.59
C VAL A 28 11.37 0.86 -13.71
N ASP A 29 10.60 1.53 -12.84
CA ASP A 29 11.23 2.50 -11.96
C ASP A 29 12.31 1.84 -11.10
N ARG A 30 13.38 2.57 -10.83
CA ARG A 30 14.47 2.03 -10.03
C ARG A 30 14.03 1.65 -8.61
N SER A 31 12.90 2.20 -8.16
CA SER A 31 12.40 1.91 -6.81
C SER A 31 11.42 0.74 -6.78
N SER A 32 11.06 0.20 -7.93
CA SER A 32 10.15 -0.95 -7.92
C SER A 32 10.98 -2.23 -7.75
N VAL A 33 10.30 -3.33 -7.48
CA VAL A 33 10.99 -4.59 -7.25
C VAL A 33 10.34 -5.68 -8.07
N ILE A 34 11.07 -6.19 -9.07
CA ILE A 34 10.57 -7.29 -9.90
C ILE A 34 11.50 -8.49 -9.73
N ILE A 35 10.93 -9.63 -9.37
CA ILE A 35 11.72 -10.81 -9.03
C ILE A 35 11.34 -12.04 -9.83
N GLY A 36 12.32 -12.66 -10.49
CA GLY A 36 12.14 -14.00 -11.03
C GLY A 36 11.38 -14.15 -12.33
N ASP A 37 10.41 -15.06 -12.32
CA ASP A 37 9.74 -15.52 -13.52
C ASP A 37 8.63 -14.57 -13.91
N VAL A 38 9.03 -13.39 -14.38
CA VAL A 38 8.10 -12.34 -14.77
C VAL A 38 8.41 -11.93 -16.20
N GLU A 39 7.40 -11.88 -17.06
CA GLU A 39 7.56 -11.35 -18.41
C GLU A 39 6.69 -10.12 -18.59
N LEU A 40 7.28 -9.06 -19.12
CA LEU A 40 6.55 -7.82 -19.40
C LEU A 40 6.61 -7.53 -20.90
N GLY A 41 5.44 -7.36 -21.52
CA GLY A 41 5.36 -7.07 -22.94
C GLY A 41 5.89 -5.69 -23.33
N ASP A 42 5.97 -5.43 -24.62
CA ASP A 42 6.46 -4.13 -25.11
C ASP A 42 5.64 -2.98 -24.53
N ASP A 43 6.33 -1.89 -24.19
CA ASP A 43 5.70 -0.63 -23.77
C ASP A 43 4.97 -0.69 -22.42
N CYS A 44 5.22 -1.75 -21.66
CA CYS A 44 4.73 -1.83 -20.27
C CYS A 44 5.47 -0.87 -19.37
N SER A 45 4.81 -0.46 -18.29
CA SER A 45 5.46 0.41 -17.32
C SER A 45 5.16 -0.06 -15.90
N VAL A 46 6.19 -0.01 -15.06
CA VAL A 46 6.06 -0.40 -13.66
C VAL A 46 6.55 0.78 -12.85
N TRP A 47 5.67 1.29 -12.01
CA TRP A 47 5.84 2.61 -11.42
C TRP A 47 6.44 2.55 -10.00
N PRO A 48 6.79 3.71 -9.43
CA PRO A 48 7.51 3.67 -8.14
C PRO A 48 6.87 2.78 -7.06
N LEU A 49 7.73 1.98 -6.43
CA LEU A 49 7.37 1.20 -5.25
C LEU A 49 6.28 0.14 -5.51
N ALA A 50 6.23 -0.37 -6.73
CA ALA A 50 5.39 -1.53 -7.04
C ALA A 50 6.23 -2.80 -6.89
N VAL A 51 5.59 -3.92 -6.58
CA VAL A 51 6.28 -5.20 -6.43
C VAL A 51 5.65 -6.21 -7.35
N ILE A 52 6.47 -6.90 -8.13
CA ILE A 52 5.98 -7.98 -8.98
C ILE A 52 6.84 -9.19 -8.65
N ARG A 53 6.31 -10.09 -7.83
CA ARG A 53 7.17 -11.16 -7.28
C ARG A 53 6.80 -12.53 -7.84
N GLY A 54 7.55 -12.95 -8.85
CA GLY A 54 7.33 -14.23 -9.52
C GLY A 54 8.30 -15.29 -9.05
N ASP A 55 8.22 -15.63 -7.76
CA ASP A 55 9.10 -16.66 -7.20
C ASP A 55 8.47 -18.05 -7.26
N MET A 56 7.32 -18.22 -6.61
CA MET A 56 6.68 -19.54 -6.49
C MET A 56 5.80 -19.91 -7.68
N HIS A 57 5.63 -18.99 -8.62
CA HIS A 57 4.87 -19.26 -9.84
C HIS A 57 5.21 -18.16 -10.81
N HIS A 58 4.73 -18.25 -12.05
CA HIS A 58 5.09 -17.26 -13.06
C HIS A 58 4.04 -16.16 -13.22
N ILE A 59 4.52 -15.02 -13.70
CA ILE A 59 3.69 -13.84 -13.96
C ILE A 59 3.95 -13.37 -15.38
N ARG A 60 2.88 -13.10 -16.12
CA ARG A 60 2.96 -12.63 -17.50
C ARG A 60 2.09 -11.39 -17.67
N ILE A 61 2.69 -10.33 -18.18
CA ILE A 61 1.97 -9.10 -18.44
C ILE A 61 2.09 -8.74 -19.91
N GLY A 62 0.97 -8.38 -20.52
CA GLY A 62 0.91 -8.11 -21.95
C GLY A 62 1.50 -6.76 -22.31
N ALA A 63 1.21 -6.32 -23.54
CA ALA A 63 1.77 -5.08 -24.05
C ALA A 63 0.98 -3.83 -23.64
N ARG A 64 1.69 -2.71 -23.47
CA ARG A 64 1.07 -1.40 -23.21
C ARG A 64 0.26 -1.37 -21.91
N THR A 65 0.73 -2.12 -20.92
CA THR A 65 0.04 -2.24 -19.63
C THR A 65 0.85 -1.54 -18.55
N SER A 66 0.16 -0.79 -17.69
CA SER A 66 0.82 -0.11 -16.58
C SER A 66 0.55 -0.82 -15.25
N VAL A 67 1.56 -0.86 -14.40
CA VAL A 67 1.42 -1.37 -13.04
C VAL A 67 1.79 -0.21 -12.14
N GLN A 68 0.78 0.49 -11.61
CA GLN A 68 1.03 1.79 -10.98
C GLN A 68 1.54 1.72 -9.54
N ASP A 69 1.88 2.90 -9.03
CA ASP A 69 2.64 3.06 -7.78
C ASP A 69 2.08 2.28 -6.62
N GLY A 70 2.94 1.52 -5.95
CA GLY A 70 2.56 0.82 -4.74
C GLY A 70 1.71 -0.42 -4.96
N SER A 71 1.55 -0.84 -6.21
CA SER A 71 0.80 -2.08 -6.49
C SER A 71 1.63 -3.28 -6.06
N VAL A 72 0.96 -4.36 -5.66
CA VAL A 72 1.67 -5.61 -5.40
C VAL A 72 1.03 -6.70 -6.23
N LEU A 73 1.86 -7.41 -6.99
CA LEU A 73 1.41 -8.50 -7.86
C LEU A 73 2.12 -9.77 -7.42
N HIS A 74 1.35 -10.78 -7.05
CA HIS A 74 1.95 -12.03 -6.60
C HIS A 74 1.09 -13.20 -7.03
N ILE A 75 1.47 -14.40 -6.58
CA ILE A 75 0.90 -15.65 -7.06
C ILE A 75 0.74 -16.63 -5.90
N THR A 76 0.16 -17.80 -6.17
CA THR A 76 0.02 -18.80 -5.12
C THR A 76 0.74 -20.08 -5.47
N HIS A 77 1.53 -20.60 -4.52
CA HIS A 77 2.34 -21.77 -4.82
C HIS A 77 1.48 -23.03 -4.85
N ALA A 78 1.92 -24.01 -5.63
CA ALA A 78 1.19 -25.25 -5.80
C ALA A 78 1.44 -26.16 -4.61
N SER A 79 0.36 -26.62 -4.00
CA SER A 79 0.43 -27.56 -2.88
C SER A 79 -0.88 -28.32 -2.81
N ASP A 80 -0.97 -29.27 -1.89
CA ASP A 80 -2.23 -29.98 -1.64
C ASP A 80 -3.35 -28.97 -1.33
N TYR A 81 -2.97 -27.85 -0.72
CA TYR A 81 -3.93 -26.79 -0.40
C TYR A 81 -4.42 -26.06 -1.65
N ASN A 82 -3.53 -25.86 -2.61
CA ASN A 82 -3.87 -25.27 -3.90
C ASN A 82 -3.20 -26.04 -5.05
N PRO A 83 -3.77 -27.20 -5.41
CA PRO A 83 -3.13 -28.02 -6.44
C PRO A 83 -2.86 -27.22 -7.71
N GLY A 84 -1.62 -27.23 -8.17
CA GLY A 84 -1.22 -26.49 -9.36
C GLY A 84 -0.85 -25.03 -9.10
N GLY A 85 -1.34 -24.49 -7.98
CA GLY A 85 -1.12 -23.08 -7.67
C GLY A 85 -1.86 -22.17 -8.62
N TYR A 86 -1.56 -20.87 -8.56
CA TYR A 86 -2.20 -19.88 -9.41
C TYR A 86 -1.13 -18.94 -9.96
N PRO A 87 -0.89 -18.96 -11.29
CA PRO A 87 -0.02 -17.94 -11.85
C PRO A 87 -0.80 -16.64 -12.03
N LEU A 88 -0.12 -15.58 -12.44
CA LEU A 88 -0.77 -14.28 -12.63
C LEU A 88 -0.61 -13.89 -14.09
N ILE A 89 -1.73 -13.75 -14.79
CA ILE A 89 -1.70 -13.47 -16.22
C ILE A 89 -2.48 -12.19 -16.48
N ILE A 90 -1.83 -11.21 -17.10
CA ILE A 90 -2.45 -9.91 -17.38
C ILE A 90 -2.26 -9.55 -18.84
N GLY A 91 -3.34 -9.05 -19.45
CA GLY A 91 -3.35 -8.83 -20.90
C GLY A 91 -2.78 -7.50 -21.33
N ASP A 92 -3.19 -7.07 -22.53
CA ASP A 92 -2.72 -5.84 -23.15
C ASP A 92 -3.64 -4.67 -22.83
N ASP A 93 -3.07 -3.46 -22.85
CA ASP A 93 -3.83 -2.24 -22.65
C ASP A 93 -4.58 -2.26 -21.34
N VAL A 94 -3.93 -2.81 -20.30
CA VAL A 94 -4.52 -2.88 -18.97
C VAL A 94 -3.93 -1.76 -18.13
N THR A 95 -4.78 -1.06 -17.39
CA THR A 95 -4.30 -0.04 -16.47
C THR A 95 -4.54 -0.57 -15.06
N ILE A 96 -3.45 -0.92 -14.37
CA ILE A 96 -3.53 -1.35 -12.98
C ILE A 96 -3.26 -0.15 -12.07
N GLY A 97 -4.31 0.32 -11.41
CA GLY A 97 -4.23 1.54 -10.61
C GLY A 97 -3.30 1.47 -9.41
N HIS A 98 -2.98 2.64 -8.87
CA HIS A 98 -2.10 2.73 -7.70
C HIS A 98 -2.56 1.83 -6.57
N GLN A 99 -1.59 1.21 -5.89
CA GLN A 99 -1.89 0.41 -4.71
C GLN A 99 -2.85 -0.75 -4.98
N ALA A 100 -2.90 -1.23 -6.22
CA ALA A 100 -3.73 -2.39 -6.53
C ALA A 100 -3.11 -3.64 -5.91
N MET A 101 -3.95 -4.65 -5.66
CA MET A 101 -3.46 -5.92 -5.12
C MET A 101 -3.94 -7.04 -6.02
N LEU A 102 -3.02 -7.62 -6.79
CA LEU A 102 -3.39 -8.70 -7.72
C LEU A 102 -2.74 -10.00 -7.28
N HIS A 103 -3.55 -11.05 -7.13
CA HIS A 103 -3.00 -12.29 -6.59
C HIS A 103 -3.54 -13.48 -7.37
N GLY A 104 -2.67 -14.13 -8.15
CA GLY A 104 -3.00 -15.38 -8.82
C GLY A 104 -4.25 -15.37 -9.68
N CYS A 105 -4.48 -14.25 -10.36
CA CYS A 105 -5.69 -14.07 -11.16
C CYS A 105 -5.40 -13.95 -12.65
N THR A 106 -6.45 -13.79 -13.45
CA THR A 106 -6.28 -13.60 -14.88
C THR A 106 -7.02 -12.33 -15.28
N ILE A 107 -6.32 -11.44 -15.97
CA ILE A 107 -6.91 -10.21 -16.46
C ILE A 107 -6.81 -10.17 -17.98
N GLY A 108 -7.90 -9.82 -18.64
CA GLY A 108 -7.97 -9.81 -20.09
C GLY A 108 -7.36 -8.53 -20.66
N ASN A 109 -7.80 -8.15 -21.87
CA ASN A 109 -7.27 -6.98 -22.54
C ASN A 109 -8.22 -5.81 -22.38
N ARG A 110 -7.67 -4.60 -22.37
CA ARG A 110 -8.48 -3.37 -22.32
C ARG A 110 -9.32 -3.34 -21.05
N VAL A 111 -8.64 -3.29 -19.92
CA VAL A 111 -9.26 -3.40 -18.62
C VAL A 111 -8.73 -2.29 -17.71
N LEU A 112 -9.62 -1.69 -16.92
CA LEU A 112 -9.25 -0.72 -15.90
C LEU A 112 -9.35 -1.40 -14.55
N ILE A 113 -8.23 -1.52 -13.84
CA ILE A 113 -8.23 -2.00 -12.47
C ILE A 113 -8.08 -0.79 -11.54
N GLY A 114 -9.14 -0.44 -10.81
CA GLY A 114 -9.15 0.79 -10.03
C GLY A 114 -8.08 0.83 -8.96
N MET A 115 -7.64 2.03 -8.60
CA MET A 115 -6.65 2.16 -7.53
C MET A 115 -7.20 1.55 -6.23
N LYS A 116 -6.31 0.90 -5.48
CA LYS A 116 -6.65 0.23 -4.22
C LYS A 116 -7.69 -0.89 -4.36
N SER A 117 -7.87 -1.42 -5.56
CA SER A 117 -8.74 -2.58 -5.71
C SER A 117 -7.94 -3.86 -5.52
N MET A 118 -8.64 -4.98 -5.34
CA MET A 118 -7.99 -6.25 -5.05
C MET A 118 -8.63 -7.36 -5.88
N ILE A 119 -7.81 -8.10 -6.61
CA ILE A 119 -8.30 -9.19 -7.45
C ILE A 119 -7.69 -10.48 -6.92
N MET A 120 -8.51 -11.42 -6.48
CA MET A 120 -8.02 -12.59 -5.74
C MET A 120 -7.77 -13.82 -6.56
N ASP A 121 -7.23 -14.85 -5.90
CA ASP A 121 -6.80 -16.08 -6.57
C ASP A 121 -7.87 -16.66 -7.45
N GLY A 122 -7.52 -16.94 -8.71
CA GLY A 122 -8.42 -17.62 -9.61
C GLY A 122 -9.49 -16.74 -10.24
N ALA A 123 -9.58 -15.47 -9.85
CA ALA A 123 -10.59 -14.62 -10.46
C ALA A 123 -10.21 -14.39 -11.92
N ILE A 124 -11.20 -14.09 -12.76
CA ILE A 124 -10.92 -13.80 -14.15
C ILE A 124 -11.66 -12.54 -14.55
N VAL A 125 -10.91 -11.53 -15.00
CA VAL A 125 -11.53 -10.32 -15.51
C VAL A 125 -11.48 -10.39 -17.04
N GLU A 126 -12.65 -10.42 -17.68
CA GLU A 126 -12.71 -10.50 -19.15
C GLU A 126 -12.33 -9.17 -19.78
N ASP A 127 -12.22 -9.15 -21.12
CA ASP A 127 -11.85 -7.93 -21.85
C ASP A 127 -12.85 -6.81 -21.59
N GLU A 128 -12.37 -5.56 -21.60
CA GLU A 128 -13.23 -4.38 -21.52
C GLU A 128 -14.14 -4.38 -20.28
N VAL A 129 -13.52 -4.59 -19.13
CA VAL A 129 -14.21 -4.51 -17.85
C VAL A 129 -13.59 -3.38 -17.05
N ILE A 130 -14.39 -2.72 -16.22
CA ILE A 130 -13.89 -1.76 -15.26
C ILE A 130 -14.12 -2.28 -13.85
N VAL A 131 -13.03 -2.38 -13.08
CA VAL A 131 -13.13 -2.65 -11.66
C VAL A 131 -12.95 -1.31 -10.95
N ALA A 132 -13.99 -0.86 -10.25
CA ALA A 132 -13.95 0.43 -9.55
C ALA A 132 -12.87 0.47 -8.48
N ALA A 133 -12.37 1.68 -8.22
CA ALA A 133 -11.41 1.89 -7.15
C ALA A 133 -11.94 1.30 -5.84
N GLY A 134 -11.07 0.61 -5.11
CA GLY A 134 -11.42 0.08 -3.81
C GLY A 134 -12.22 -1.21 -3.80
N ALA A 135 -12.57 -1.72 -4.98
CA ALA A 135 -13.36 -2.95 -5.09
C ALA A 135 -12.56 -4.20 -4.74
N THR A 136 -13.25 -5.24 -4.30
CA THR A 136 -12.61 -6.54 -4.09
C THR A 136 -13.30 -7.60 -4.93
N VAL A 137 -12.54 -8.20 -5.85
CA VAL A 137 -13.07 -9.27 -6.69
C VAL A 137 -12.72 -10.61 -6.07
N SER A 138 -13.75 -11.36 -5.65
CA SER A 138 -13.59 -12.58 -4.88
C SER A 138 -12.86 -13.70 -5.63
N PRO A 139 -12.24 -14.63 -4.90
CA PRO A 139 -11.58 -15.76 -5.55
C PRO A 139 -12.50 -16.50 -6.50
N GLY A 140 -12.02 -16.79 -7.71
CA GLY A 140 -12.76 -17.59 -8.67
C GLY A 140 -13.84 -16.86 -9.47
N LYS A 141 -14.12 -15.62 -9.09
CA LYS A 141 -15.18 -14.84 -9.74
C LYS A 141 -14.79 -14.44 -11.17
N VAL A 142 -15.73 -14.61 -12.10
CA VAL A 142 -15.52 -14.23 -13.49
C VAL A 142 -16.30 -12.95 -13.81
N LEU A 143 -15.59 -11.89 -14.14
CA LEU A 143 -16.25 -10.61 -14.43
C LEU A 143 -16.57 -10.53 -15.92
N GLU A 144 -17.85 -10.27 -16.21
CA GLU A 144 -18.35 -10.26 -17.58
C GLU A 144 -17.93 -9.03 -18.40
N SER A 145 -17.44 -9.30 -19.60
CA SER A 145 -17.01 -8.28 -20.54
C SER A 145 -18.06 -7.18 -20.75
N GLY A 146 -17.63 -5.91 -20.72
CA GLY A 146 -18.50 -4.80 -21.03
C GLY A 146 -19.21 -4.18 -19.83
N PHE A 147 -18.83 -4.62 -18.63
CA PHE A 147 -19.47 -4.11 -17.42
C PHE A 147 -18.53 -3.50 -16.39
N VAL A 148 -19.12 -2.67 -15.54
CA VAL A 148 -18.42 -2.05 -14.41
C VAL A 148 -18.75 -2.81 -13.13
N TYR A 149 -17.72 -3.17 -12.38
CA TYR A 149 -17.90 -3.87 -11.11
C TYR A 149 -17.40 -3.01 -9.96
N MET A 150 -18.21 -2.93 -8.91
CA MET A 150 -17.90 -2.05 -7.78
C MET A 150 -18.33 -2.69 -6.47
N GLY A 151 -17.55 -2.42 -5.43
CA GLY A 151 -17.94 -2.80 -4.08
C GLY A 151 -17.06 -3.85 -3.46
N THR A 152 -17.32 -4.13 -2.18
CA THR A 152 -16.65 -5.22 -1.48
C THR A 152 -17.73 -6.09 -0.83
N PRO A 153 -18.08 -7.21 -1.47
CA PRO A 153 -17.48 -7.76 -2.68
C PRO A 153 -17.99 -7.07 -3.94
N ALA A 154 -17.22 -7.15 -5.02
CA ALA A 154 -17.57 -6.45 -6.25
C ALA A 154 -18.78 -7.07 -6.94
N LYS A 155 -19.72 -6.21 -7.32
CA LYS A 155 -20.95 -6.62 -7.98
C LYS A 155 -21.09 -5.87 -9.30
N LYS A 156 -21.78 -6.49 -10.27
CA LYS A 156 -22.05 -5.81 -11.54
C LYS A 156 -22.97 -4.60 -11.29
N VAL A 157 -22.53 -3.41 -11.74
CA VAL A 157 -23.29 -2.20 -11.45
C VAL A 157 -23.97 -1.59 -12.69
N ARG A 158 -23.27 -1.58 -13.81
CA ARG A 158 -23.79 -0.95 -15.02
C ARG A 158 -22.89 -1.36 -16.16
N PRO A 159 -23.38 -1.21 -17.40
CA PRO A 159 -22.49 -1.49 -18.53
C PRO A 159 -21.55 -0.31 -18.71
N ILE A 160 -20.38 -0.55 -19.30
CA ILE A 160 -19.48 0.56 -19.59
C ILE A 160 -20.07 1.43 -20.69
N THR A 161 -19.66 2.69 -20.72
CA THR A 161 -20.14 3.58 -21.77
C THR A 161 -19.17 3.58 -22.95
N GLU A 162 -19.60 4.14 -24.06
CA GLU A 162 -18.76 4.18 -25.24
C GLU A 162 -17.47 4.96 -24.95
N LYS A 163 -17.62 6.06 -24.22
CA LYS A 163 -16.47 6.85 -23.84
C LYS A 163 -15.52 6.07 -22.91
N GLU A 164 -16.09 5.26 -22.01
CA GLU A 164 -15.28 4.41 -21.15
C GLU A 164 -14.55 3.35 -21.99
N ARG A 165 -15.23 2.82 -22.99
CA ARG A 165 -14.61 1.83 -23.86
C ARG A 165 -13.41 2.44 -24.56
N SER A 166 -13.56 3.66 -25.07
CA SER A 166 -12.45 4.34 -25.73
C SER A 166 -11.33 4.65 -24.73
N PHE A 167 -11.68 4.92 -23.48
CA PHE A 167 -10.67 5.26 -22.48
C PHE A 167 -9.67 4.13 -22.20
N PHE A 168 -10.10 2.87 -22.31
CA PHE A 168 -9.15 1.78 -22.07
C PHE A 168 -7.90 2.02 -22.92
N THR A 169 -8.15 2.35 -24.19
CA THR A 169 -7.08 2.51 -25.15
C THR A 169 -6.42 3.88 -25.02
N TYR A 170 -7.23 4.93 -24.87
CA TYR A 170 -6.67 6.27 -24.67
C TYR A 170 -5.75 6.31 -23.46
N GLY A 171 -6.23 5.75 -22.35
CA GLY A 171 -5.52 5.80 -21.09
C GLY A 171 -4.24 4.99 -21.12
N ALA A 172 -4.32 3.79 -21.69
CA ALA A 172 -3.12 2.96 -21.83
C ALA A 172 -2.11 3.71 -22.71
N GLY A 173 -2.61 4.37 -23.75
CA GLY A 173 -1.74 5.15 -24.61
C GLY A 173 -1.10 6.32 -23.89
N ASN A 174 -1.89 7.01 -23.07
CA ASN A 174 -1.34 8.09 -22.28
C ASN A 174 -0.20 7.61 -21.36
N TYR A 175 -0.37 6.45 -20.75
CA TYR A 175 0.69 5.89 -19.91
C TYR A 175 1.91 5.44 -20.72
N VAL A 176 1.69 5.00 -21.95
CA VAL A 176 2.81 4.68 -22.82
C VAL A 176 3.67 5.94 -23.07
N ARG A 177 3.02 7.04 -23.44
CA ARG A 177 3.73 8.29 -23.63
C ARG A 177 4.37 8.78 -22.33
N LEU A 178 3.68 8.59 -21.21
CA LEU A 178 4.20 9.02 -19.92
C LEU A 178 5.44 8.22 -19.52
N LYS A 179 5.41 6.89 -19.71
CA LYS A 179 6.59 6.10 -19.32
C LYS A 179 7.79 6.44 -20.21
N ASP A 180 7.53 6.90 -21.42
CA ASP A 180 8.64 7.29 -22.29
C ASP A 180 9.33 8.53 -21.74
N LYS A 181 8.55 9.42 -21.11
CA LYS A 181 9.10 10.61 -20.46
C LYS A 181 9.92 10.24 -19.23
N HIS A 182 9.42 9.29 -18.45
CA HIS A 182 10.13 8.81 -17.28
C HIS A 182 11.41 8.07 -17.65
N LEU A 183 11.36 7.34 -18.77
CA LEU A 183 12.56 6.69 -19.29
C LEU A 183 13.58 7.74 -19.70
N ALA A 184 13.08 8.81 -20.31
CA ALA A 184 13.97 9.89 -20.76
C ALA A 184 14.62 10.63 -19.59
N GLU A 185 13.99 10.59 -18.42
CA GLU A 185 14.60 11.18 -17.23
C GLU A 185 15.62 10.24 -16.59
N GLY A 186 15.68 9.01 -17.10
CA GLY A 186 16.59 7.99 -16.59
C GLY A 186 16.17 7.33 -15.28
N TYR A 187 14.87 7.33 -14.98
CA TYR A 187 14.39 6.84 -13.68
C TYR A 187 14.54 5.33 -13.49
N ASP A 188 14.85 4.61 -14.55
CA ASP A 188 14.99 3.16 -14.45
C ASP A 188 16.42 2.73 -14.14
N ARG A 189 17.34 3.68 -14.11
CA ARG A 189 18.77 3.35 -13.96
C ARG A 189 19.40 4.01 -12.73
N LEU B 9 21.12 8.69 -3.65
CA LEU B 9 19.95 9.42 -3.15
C LEU B 9 19.11 9.93 -4.32
N THR B 10 17.97 9.28 -4.54
CA THR B 10 17.07 9.70 -5.62
C THR B 10 15.63 9.80 -5.12
N SER B 11 15.48 10.32 -3.91
CA SER B 11 14.17 10.47 -3.29
C SER B 11 13.45 11.71 -3.78
N VAL B 12 14.21 12.72 -4.19
CA VAL B 12 13.64 13.96 -4.70
C VAL B 12 14.14 14.22 -6.12
N ARG B 13 13.23 14.08 -7.09
CA ARG B 13 13.61 13.94 -8.48
C ARG B 13 13.07 15.06 -9.37
N THR B 14 13.98 15.63 -10.17
CA THR B 14 13.61 16.58 -11.20
C THR B 14 12.94 15.83 -12.34
N TYR B 15 11.94 16.46 -12.94
CA TYR B 15 11.17 15.85 -14.02
C TYR B 15 10.82 16.93 -15.04
N GLN B 16 11.23 16.70 -16.29
CA GLN B 16 10.97 17.65 -17.37
C GLN B 16 11.31 19.07 -16.97
N GLY B 17 12.48 19.24 -16.38
CA GLY B 17 12.99 20.55 -16.00
C GLY B 17 12.43 21.13 -14.71
N ILE B 18 11.51 20.42 -14.06
CA ILE B 18 10.91 20.91 -12.83
C ILE B 18 11.39 20.11 -11.63
N SER B 19 11.94 20.81 -10.63
CA SER B 19 12.42 20.17 -9.41
C SER B 19 11.46 20.48 -8.25
N PRO B 20 11.19 19.47 -7.41
CA PRO B 20 10.36 19.70 -6.22
C PRO B 20 10.92 20.85 -5.39
N LYS B 21 10.03 21.66 -4.83
CA LYS B 21 10.43 22.77 -3.96
C LYS B 21 10.13 22.39 -2.51
N LEU B 22 11.17 22.36 -1.69
CA LEU B 22 11.05 21.98 -0.29
C LEU B 22 11.28 23.20 0.62
N GLY B 23 10.38 23.40 1.59
CA GLY B 23 10.53 24.47 2.55
C GLY B 23 11.60 24.17 3.60
N GLU B 24 11.55 24.91 4.70
CA GLU B 24 12.53 24.76 5.76
C GLU B 24 12.27 23.51 6.59
N ARG B 25 13.35 22.81 6.94
CA ARG B 25 13.31 21.69 7.88
C ARG B 25 12.39 20.57 7.42
N VAL B 26 12.27 20.39 6.10
CA VAL B 26 11.42 19.32 5.58
C VAL B 26 12.18 18.00 5.67
N PHE B 27 11.48 16.93 6.05
CA PHE B 27 12.10 15.61 6.06
C PHE B 27 11.50 14.76 4.94
N VAL B 28 12.37 14.21 4.11
CA VAL B 28 11.94 13.22 3.12
C VAL B 28 12.78 11.97 3.36
N ASP B 29 12.14 10.86 3.74
CA ASP B 29 12.91 9.64 3.94
C ASP B 29 13.61 9.27 2.64
N ARG B 30 14.82 8.72 2.73
CA ARG B 30 15.58 8.36 1.53
C ARG B 30 14.83 7.33 0.69
N SER B 31 13.87 6.63 1.29
CA SER B 31 13.14 5.55 0.61
C SER B 31 11.85 6.03 -0.05
N SER B 32 11.47 7.28 0.18
CA SER B 32 10.30 7.82 -0.47
C SER B 32 10.66 8.32 -1.88
N VAL B 33 9.65 8.64 -2.68
CA VAL B 33 9.87 9.06 -4.06
C VAL B 33 9.02 10.28 -4.39
N ILE B 34 9.67 11.41 -4.60
CA ILE B 34 8.96 12.64 -4.94
C ILE B 34 9.41 13.09 -6.32
N ILE B 35 8.44 13.31 -7.22
CA ILE B 35 8.75 13.57 -8.62
C ILE B 35 8.13 14.87 -9.11
N GLY B 36 8.97 15.76 -9.63
CA GLY B 36 8.47 16.86 -10.45
C GLY B 36 7.86 18.05 -9.76
N ASP B 37 6.62 18.35 -10.14
CA ASP B 37 5.97 19.61 -9.82
C ASP B 37 5.29 19.52 -8.46
N VAL B 38 6.10 19.42 -7.42
CA VAL B 38 5.61 19.23 -6.06
C VAL B 38 6.24 20.31 -5.17
N GLU B 39 5.42 20.93 -4.33
CA GLU B 39 5.93 21.87 -3.35
C GLU B 39 5.49 21.43 -1.96
N LEU B 40 6.44 21.46 -1.02
CA LEU B 40 6.16 21.11 0.37
C LEU B 40 6.52 22.29 1.27
N GLY B 41 5.59 22.66 2.14
CA GLY B 41 5.81 23.74 3.10
C GLY B 41 6.77 23.40 4.22
N ASP B 42 7.12 24.42 5.00
CA ASP B 42 8.03 24.23 6.13
C ASP B 42 7.54 23.11 7.05
N ASP B 43 8.49 22.31 7.54
CA ASP B 43 8.20 21.30 8.56
C ASP B 43 7.36 20.13 8.09
N CYS B 44 7.18 19.97 6.77
CA CYS B 44 6.49 18.81 6.25
C CYS B 44 7.37 17.58 6.42
N SER B 45 6.76 16.42 6.35
CA SER B 45 7.50 15.18 6.52
C SER B 45 6.92 14.12 5.60
N VAL B 46 7.79 13.42 4.91
CA VAL B 46 7.37 12.37 3.99
C VAL B 46 8.10 11.11 4.41
N TRP B 47 7.32 10.09 4.73
CA TRP B 47 7.78 8.94 5.49
C TRP B 47 8.13 7.75 4.60
N PRO B 48 8.71 6.68 5.17
CA PRO B 48 9.22 5.63 4.29
C PRO B 48 8.24 5.12 3.26
N LEU B 49 8.74 4.98 2.03
CA LEU B 49 8.01 4.31 0.95
C LEU B 49 6.71 5.02 0.56
N ALA B 50 6.66 6.34 0.73
CA ALA B 50 5.58 7.15 0.17
C ALA B 50 5.94 7.66 -1.22
N VAL B 51 4.92 7.90 -2.04
CA VAL B 51 5.12 8.42 -3.39
C VAL B 51 4.31 9.69 -3.58
N ILE B 52 4.97 10.75 -4.05
CA ILE B 52 4.27 11.97 -4.44
C ILE B 52 4.69 12.30 -5.88
N ARG B 53 3.83 11.97 -6.82
CA ARG B 53 4.19 12.00 -8.24
C ARG B 53 3.50 13.15 -8.96
N GLY B 54 4.21 14.27 -9.10
CA GLY B 54 3.64 15.45 -9.75
C GLY B 54 4.14 15.59 -11.17
N ASP B 55 3.86 14.59 -11.99
CA ASP B 55 4.36 14.61 -13.36
C ASP B 55 3.39 15.30 -14.33
N MET B 56 2.14 14.90 -14.30
CA MET B 56 1.16 15.44 -15.26
C MET B 56 0.34 16.62 -14.74
N HIS B 57 0.58 17.02 -13.51
CA HIS B 57 -0.15 18.15 -12.92
C HIS B 57 0.57 18.58 -11.65
N HIS B 58 0.14 19.69 -11.05
CA HIS B 58 0.83 20.20 -9.87
C HIS B 58 0.30 19.62 -8.54
N ILE B 59 1.20 19.51 -7.58
CA ILE B 59 0.88 19.09 -6.21
C ILE B 59 1.45 20.14 -5.26
N ARG B 60 0.60 20.66 -4.38
CA ARG B 60 1.01 21.70 -3.44
C ARG B 60 0.62 21.27 -2.04
N ILE B 61 1.58 21.28 -1.13
CA ILE B 61 1.32 20.88 0.25
C ILE B 61 1.79 21.98 1.20
N GLY B 62 0.96 22.31 2.18
CA GLY B 62 1.30 23.39 3.10
C GLY B 62 2.31 23.02 4.16
N ALA B 63 2.25 23.72 5.29
CA ALA B 63 3.22 23.55 6.38
C ALA B 63 2.79 22.54 7.44
N ARG B 64 3.78 21.87 8.04
CA ARG B 64 3.56 20.94 9.15
C ARG B 64 2.62 19.79 8.78
N THR B 65 2.72 19.33 7.54
CA THR B 65 1.87 18.25 7.06
C THR B 65 2.70 16.99 6.88
N SER B 66 2.15 15.85 7.28
CA SER B 66 2.85 14.59 7.13
C SER B 66 2.20 13.75 6.05
N VAL B 67 3.04 13.05 5.30
CA VAL B 67 2.60 12.10 4.30
C VAL B 67 3.19 10.77 4.74
N GLN B 68 2.38 9.91 5.35
CA GLN B 68 2.91 8.76 6.05
C GLN B 68 3.18 7.51 5.19
N ASP B 69 3.81 6.53 5.83
CA ASP B 69 4.43 5.39 5.15
C ASP B 69 3.53 4.75 4.13
N GLY B 70 4.01 4.61 2.90
CA GLY B 70 3.27 3.84 1.91
C GLY B 70 2.13 4.59 1.25
N SER B 71 1.97 5.88 1.58
CA SER B 71 0.93 6.69 0.92
C SER B 71 1.32 6.95 -0.53
N VAL B 72 0.31 7.13 -1.38
CA VAL B 72 0.53 7.54 -2.76
C VAL B 72 -0.31 8.79 -3.03
N LEU B 73 0.35 9.85 -3.45
CA LEU B 73 -0.31 11.10 -3.83
C LEU B 73 -0.10 11.32 -5.32
N HIS B 74 -1.19 11.49 -6.06
CA HIS B 74 -1.07 11.67 -7.50
C HIS B 74 -2.20 12.56 -8.01
N ILE B 75 -2.24 12.73 -9.33
CA ILE B 75 -3.10 13.71 -9.94
C ILE B 75 -3.67 13.18 -11.24
N THR B 76 -4.52 13.98 -11.89
CA THR B 76 -5.10 13.55 -13.16
C THR B 76 -4.76 14.55 -14.28
N HIS B 77 -4.24 14.05 -15.39
CA HIS B 77 -3.88 14.95 -16.47
C HIS B 77 -5.11 15.54 -17.16
N ALA B 78 -4.96 16.74 -17.70
CA ALA B 78 -6.03 17.38 -18.44
C ALA B 78 -6.25 16.68 -19.78
N SER B 79 -7.51 16.36 -20.07
CA SER B 79 -7.87 15.73 -21.32
C SER B 79 -9.37 15.88 -21.59
N ASP B 80 -9.83 15.36 -22.73
CA ASP B 80 -11.25 15.35 -23.03
C ASP B 80 -12.05 14.51 -22.03
N TYR B 81 -11.36 13.60 -21.35
CA TYR B 81 -11.99 12.76 -20.33
C TYR B 81 -12.06 13.52 -19.00
N ASN B 82 -11.14 14.46 -18.82
CA ASN B 82 -11.10 15.28 -17.59
C ASN B 82 -10.62 16.71 -17.92
N PRO B 83 -11.51 17.54 -18.47
CA PRO B 83 -11.11 18.89 -18.88
C PRO B 83 -10.39 19.65 -17.77
N GLY B 84 -9.18 20.11 -18.05
CA GLY B 84 -8.40 20.87 -17.08
C GLY B 84 -7.64 20.00 -16.08
N GLY B 85 -7.94 18.71 -16.05
CA GLY B 85 -7.32 17.79 -15.11
C GLY B 85 -7.66 18.09 -13.65
N TYR B 86 -6.99 17.41 -12.73
CA TYR B 86 -7.17 17.60 -11.29
C TYR B 86 -5.82 17.64 -10.61
N PRO B 87 -5.44 18.80 -10.08
CA PRO B 87 -4.20 18.90 -9.31
C PRO B 87 -4.48 18.42 -7.89
N LEU B 88 -3.44 18.41 -7.06
CA LEU B 88 -3.57 17.99 -5.67
C LEU B 88 -3.13 19.13 -4.76
N ILE B 89 -4.05 19.63 -3.95
CA ILE B 89 -3.78 20.78 -3.09
C ILE B 89 -4.05 20.39 -1.65
N ILE B 90 -3.05 20.54 -0.79
CA ILE B 90 -3.16 20.14 0.61
C ILE B 90 -2.69 21.25 1.54
N GLY B 91 -3.44 21.55 2.60
CA GLY B 91 -3.09 22.69 3.44
C GLY B 91 -2.09 22.39 4.55
N ASP B 92 -2.17 23.16 5.63
CA ASP B 92 -1.25 23.06 6.78
C ASP B 92 -1.81 22.14 7.88
N ASP B 93 -0.92 21.55 8.67
CA ASP B 93 -1.32 20.75 9.81
C ASP B 93 -2.25 19.63 9.39
N VAL B 94 -1.96 19.03 8.24
CA VAL B 94 -2.72 17.89 7.77
C VAL B 94 -1.94 16.62 8.09
N THR B 95 -2.61 15.63 8.66
CA THR B 95 -1.96 14.36 8.95
C THR B 95 -2.49 13.31 7.97
N ILE B 96 -1.64 12.88 7.04
CA ILE B 96 -2.04 11.89 6.05
C ILE B 96 -1.57 10.52 6.52
N GLY B 97 -2.51 9.68 6.95
CA GLY B 97 -2.19 8.40 7.55
C GLY B 97 -1.52 7.41 6.61
N HIS B 98 -0.92 6.37 7.20
CA HIS B 98 -0.21 5.34 6.43
C HIS B 98 -1.06 4.80 5.29
N GLN B 99 -0.43 4.55 4.14
CA GLN B 99 -1.11 3.90 3.04
C GLN B 99 -2.33 4.66 2.52
N ALA B 100 -2.33 5.98 2.71
CA ALA B 100 -3.39 6.81 2.14
C ALA B 100 -3.28 6.82 0.61
N MET B 101 -4.39 7.11 -0.06
CA MET B 101 -4.40 7.26 -1.51
C MET B 101 -5.12 8.55 -1.83
N LEU B 102 -4.35 9.57 -2.20
CA LEU B 102 -4.90 10.89 -2.47
C LEU B 102 -4.73 11.15 -3.96
N HIS B 103 -5.85 11.42 -4.63
CA HIS B 103 -5.83 11.60 -6.07
C HIS B 103 -6.63 12.83 -6.47
N GLY B 104 -5.94 13.86 -6.95
CA GLY B 104 -6.59 14.99 -7.59
C GLY B 104 -7.58 15.75 -6.74
N CYS B 105 -7.35 15.77 -5.42
CA CYS B 105 -8.31 16.35 -4.50
C CYS B 105 -7.81 17.65 -3.87
N THR B 106 -8.68 18.28 -3.08
CA THR B 106 -8.29 19.46 -2.34
C THR B 106 -8.56 19.21 -0.87
N ILE B 107 -7.57 19.54 -0.04
CA ILE B 107 -7.66 19.32 1.41
C ILE B 107 -7.26 20.59 2.15
N GLY B 108 -8.09 21.03 3.09
CA GLY B 108 -7.85 22.27 3.79
C GLY B 108 -6.80 22.17 4.89
N ASN B 109 -6.96 22.98 5.94
CA ASN B 109 -6.04 22.99 7.06
C ASN B 109 -6.58 22.22 8.27
N ARG B 110 -5.67 21.64 9.05
CA ARG B 110 -6.03 20.96 10.30
C ARG B 110 -7.01 19.82 9.99
N VAL B 111 -6.50 18.80 9.31
CA VAL B 111 -7.32 17.70 8.83
C VAL B 111 -6.61 16.38 9.15
N LEU B 112 -7.39 15.40 9.59
CA LEU B 112 -6.90 14.05 9.84
C LEU B 112 -7.39 13.14 8.74
N ILE B 113 -6.47 12.60 7.95
CA ILE B 113 -6.84 11.60 6.95
C ILE B 113 -6.40 10.23 7.46
N GLY B 114 -7.35 9.37 7.79
CA GLY B 114 -7.05 8.08 8.40
C GLY B 114 -6.22 7.18 7.52
N MET B 115 -5.50 6.26 8.15
CA MET B 115 -4.69 5.31 7.37
C MET B 115 -5.59 4.51 6.43
N LYS B 116 -5.08 4.26 5.23
CA LYS B 116 -5.75 3.40 4.27
C LYS B 116 -7.00 4.05 3.68
N SER B 117 -7.22 5.34 3.93
CA SER B 117 -8.35 6.01 3.32
C SER B 117 -7.98 6.44 1.91
N MET B 118 -9.00 6.77 1.11
CA MET B 118 -8.80 7.14 -0.27
C MET B 118 -9.66 8.36 -0.59
N ILE B 119 -9.04 9.41 -1.12
CA ILE B 119 -9.76 10.63 -1.48
C ILE B 119 -9.57 10.84 -2.98
N MET B 120 -10.67 10.95 -3.71
CA MET B 120 -10.63 10.87 -5.18
C MET B 120 -10.80 12.21 -5.91
N ASP B 121 -10.68 12.17 -7.23
CA ASP B 121 -10.62 13.39 -8.04
C ASP B 121 -11.74 14.39 -7.74
N GLY B 122 -11.36 15.63 -7.51
CA GLY B 122 -12.32 16.70 -7.37
C GLY B 122 -12.98 16.77 -6.02
N ALA B 123 -12.62 15.85 -5.13
CA ALA B 123 -13.13 15.91 -3.77
C ALA B 123 -12.57 17.14 -3.05
N ILE B 124 -13.35 17.70 -2.15
CA ILE B 124 -12.92 18.86 -1.38
C ILE B 124 -13.13 18.59 0.10
N VAL B 125 -12.03 18.57 0.86
CA VAL B 125 -12.12 18.39 2.29
C VAL B 125 -11.86 19.73 2.99
N GLU B 126 -12.87 20.23 3.68
CA GLU B 126 -12.74 21.52 4.35
C GLU B 126 -11.84 21.44 5.60
N ASP B 127 -11.58 22.58 6.22
CA ASP B 127 -10.77 22.64 7.45
C ASP B 127 -11.38 21.81 8.58
N GLU B 128 -10.52 21.26 9.43
CA GLU B 128 -10.97 20.63 10.65
C GLU B 128 -11.98 19.50 10.41
N VAL B 129 -11.60 18.58 9.53
CA VAL B 129 -12.40 17.41 9.23
C VAL B 129 -11.59 16.17 9.60
N ILE B 130 -12.27 15.14 10.07
CA ILE B 130 -11.63 13.84 10.28
C ILE B 130 -12.18 12.85 9.26
N VAL B 131 -11.28 12.23 8.50
CA VAL B 131 -11.64 11.15 7.59
C VAL B 131 -11.18 9.85 8.25
N ALA B 132 -12.14 9.01 8.61
CA ALA B 132 -11.84 7.79 9.35
C ALA B 132 -10.98 6.86 8.54
N ALA B 133 -10.17 6.06 9.23
CA ALA B 133 -9.34 5.06 8.57
C ALA B 133 -10.18 4.20 7.62
N GLY B 134 -9.64 3.96 6.42
CA GLY B 134 -10.30 3.08 5.47
C GLY B 134 -11.44 3.68 4.67
N ALA B 135 -11.70 4.97 4.86
CA ALA B 135 -12.80 5.62 4.16
C ALA B 135 -12.49 5.85 2.70
N THR B 136 -13.52 5.89 1.86
CA THR B 136 -13.36 6.34 0.49
C THR B 136 -14.24 7.55 0.23
N VAL B 137 -13.59 8.69 -0.02
CA VAL B 137 -14.30 9.92 -0.33
C VAL B 137 -14.45 10.01 -1.83
N SER B 138 -15.70 9.93 -2.31
CA SER B 138 -16.00 9.81 -3.73
C SER B 138 -15.58 11.02 -4.54
N PRO B 139 -15.40 10.85 -5.86
CA PRO B 139 -15.02 12.00 -6.69
C PRO B 139 -16.04 13.12 -6.54
N GLY B 140 -15.54 14.33 -6.31
CA GLY B 140 -16.39 15.52 -6.24
C GLY B 140 -17.07 15.74 -4.89
N LYS B 141 -16.88 14.80 -3.97
CA LYS B 141 -17.53 14.89 -2.66
C LYS B 141 -16.96 16.02 -1.81
N VAL B 142 -17.84 16.81 -1.19
CA VAL B 142 -17.42 17.89 -0.31
C VAL B 142 -17.60 17.47 1.15
N LEU B 143 -16.52 17.57 1.92
CA LEU B 143 -16.56 17.24 3.35
C LEU B 143 -16.64 18.53 4.17
N GLU B 144 -17.73 18.70 4.90
CA GLU B 144 -18.00 19.95 5.60
C GLU B 144 -17.16 20.09 6.86
N SER B 145 -16.65 21.30 7.08
CA SER B 145 -15.82 21.60 8.23
C SER B 145 -16.45 21.18 9.56
N GLY B 146 -15.64 20.59 10.44
CA GLY B 146 -16.06 20.30 11.80
C GLY B 146 -16.78 18.97 11.95
N PHE B 147 -16.60 18.08 10.97
CA PHE B 147 -17.28 16.79 11.03
C PHE B 147 -16.36 15.60 10.85
N VAL B 148 -16.82 14.45 11.34
CA VAL B 148 -16.17 13.18 11.12
C VAL B 148 -16.89 12.45 9.99
N TYR B 149 -16.12 11.95 9.03
CA TYR B 149 -16.68 11.18 7.94
C TYR B 149 -16.13 9.76 7.96
N MET B 150 -16.97 8.78 7.63
CA MET B 150 -16.57 7.39 7.67
C MET B 150 -17.30 6.56 6.61
N GLY B 151 -16.65 5.52 6.11
CA GLY B 151 -17.30 4.55 5.26
C GLY B 151 -16.91 4.61 3.80
N THR B 152 -17.50 3.71 3.01
CA THR B 152 -17.27 3.63 1.58
C THR B 152 -18.63 3.47 0.89
N PRO B 153 -19.17 4.58 0.35
CA PRO B 153 -18.55 5.89 0.31
C PRO B 153 -18.67 6.64 1.64
N ALA B 154 -17.75 7.58 1.85
CA ALA B 154 -17.69 8.30 3.13
C ALA B 154 -18.94 9.13 3.34
N LYS B 155 -19.49 9.04 4.55
CA LYS B 155 -20.68 9.79 4.93
C LYS B 155 -20.48 10.48 6.28
N LYS B 156 -21.20 11.58 6.49
CA LYS B 156 -21.09 12.32 7.75
C LYS B 156 -21.56 11.45 8.90
N VAL B 157 -20.77 11.40 9.97
CA VAL B 157 -21.10 10.60 11.15
C VAL B 157 -21.57 11.48 12.30
N ARG B 158 -20.78 12.51 12.60
CA ARG B 158 -21.05 13.39 13.73
C ARG B 158 -20.11 14.58 13.69
N PRO B 159 -20.43 15.64 14.45
CA PRO B 159 -19.44 16.72 14.56
C PRO B 159 -18.24 16.26 15.37
N ILE B 160 -17.12 16.94 15.21
CA ILE B 160 -15.94 16.61 16.00
C ILE B 160 -16.09 17.15 17.43
N THR B 161 -15.39 16.51 18.36
CA THR B 161 -15.32 16.93 19.76
C THR B 161 -14.30 18.05 19.93
N GLU B 162 -14.27 18.68 21.10
CA GLU B 162 -13.29 19.72 21.37
C GLU B 162 -11.90 19.13 21.44
N LYS B 163 -11.80 17.92 21.98
CA LYS B 163 -10.51 17.24 22.08
C LYS B 163 -10.02 16.88 20.69
N GLU B 164 -10.95 16.48 19.82
CA GLU B 164 -10.59 16.20 18.43
C GLU B 164 -10.14 17.48 17.71
N ARG B 165 -10.81 18.59 18.01
CA ARG B 165 -10.39 19.85 17.41
C ARG B 165 -8.96 20.20 17.82
N SER B 166 -8.64 20.01 19.09
CA SER B 166 -7.29 20.32 19.57
C SER B 166 -6.27 19.33 19.02
N PHE B 167 -6.70 18.14 18.65
CA PHE B 167 -5.77 17.11 18.21
C PHE B 167 -5.15 17.39 16.84
N PHE B 168 -5.87 18.12 15.98
CA PHE B 168 -5.30 18.42 14.65
C PHE B 168 -3.92 19.05 14.81
N THR B 169 -3.83 20.05 15.68
CA THR B 169 -2.60 20.79 15.89
C THR B 169 -1.64 20.01 16.77
N TYR B 170 -2.15 19.35 17.81
CA TYR B 170 -1.29 18.52 18.64
C TYR B 170 -0.62 17.40 17.82
N GLY B 171 -1.42 16.66 17.05
CA GLY B 171 -0.92 15.53 16.30
C GLY B 171 0.08 15.95 15.24
N ALA B 172 -0.28 17.00 14.51
CA ALA B 172 0.64 17.56 13.51
C ALA B 172 1.94 18.00 14.18
N GLY B 173 1.84 18.62 15.35
CA GLY B 173 3.01 19.07 16.08
C GLY B 173 3.86 17.91 16.56
N ASN B 174 3.21 16.83 16.98
CA ASN B 174 3.94 15.63 17.39
C ASN B 174 4.74 15.07 16.23
N TYR B 175 4.17 15.13 15.03
CA TYR B 175 4.89 14.63 13.84
C TYR B 175 6.04 15.56 13.41
N VAL B 176 5.89 16.85 13.66
CA VAL B 176 7.01 17.78 13.44
C VAL B 176 8.18 17.42 14.36
N ARG B 177 7.88 17.18 15.64
CA ARG B 177 8.93 16.77 16.57
C ARG B 177 9.54 15.42 16.17
N LEU B 178 8.72 14.49 15.69
CA LEU B 178 9.19 13.17 15.31
C LEU B 178 10.09 13.28 14.09
N LYS B 179 9.69 14.07 13.11
CA LYS B 179 10.54 14.24 11.93
C LYS B 179 11.88 14.91 12.25
N ASP B 180 11.93 15.79 13.26
CA ASP B 180 13.23 16.32 13.63
C ASP B 180 14.15 15.21 14.14
N LYS B 181 13.59 14.23 14.82
CA LYS B 181 14.39 13.11 15.32
C LYS B 181 14.89 12.25 14.16
N HIS B 182 14.01 12.00 13.19
CA HIS B 182 14.40 11.23 12.02
C HIS B 182 15.46 11.99 11.18
N LEU B 183 15.35 13.31 11.12
CA LEU B 183 16.38 14.12 10.47
C LEU B 183 17.70 14.01 11.21
N ALA B 184 17.64 14.03 12.53
CA ALA B 184 18.83 13.93 13.34
C ALA B 184 19.54 12.59 13.12
N GLU B 185 18.79 11.57 12.71
CA GLU B 185 19.37 10.26 12.41
C GLU B 185 19.96 10.18 11.01
N GLY B 186 19.65 11.18 10.19
CA GLY B 186 20.17 11.25 8.83
C GLY B 186 19.44 10.35 7.86
N TYR B 187 18.19 10.03 8.17
CA TYR B 187 17.42 9.10 7.34
C TYR B 187 17.08 9.68 5.97
N ASP B 188 17.32 10.98 5.76
CA ASP B 188 17.01 11.61 4.47
C ASP B 188 18.22 11.65 3.54
N ARG B 189 19.38 11.19 4.01
CA ARG B 189 20.60 11.27 3.22
C ARG B 189 21.02 9.89 2.71
N LEU C 9 23.33 -0.17 2.35
CA LEU C 9 22.22 -0.92 2.93
C LEU C 9 21.65 -0.23 4.17
N THR C 10 20.40 0.23 4.07
CA THR C 10 19.75 0.93 5.17
C THR C 10 18.34 0.38 5.43
N SER C 11 18.20 -0.92 5.29
CA SER C 11 16.94 -1.59 5.55
C SER C 11 16.70 -1.79 7.05
N VAL C 12 17.77 -1.85 7.84
CA VAL C 12 17.63 -2.07 9.27
C VAL C 12 18.34 -0.94 9.99
N ARG C 13 17.56 -0.05 10.58
CA ARG C 13 18.10 1.25 11.02
C ARG C 13 18.09 1.45 12.51
N THR C 14 19.22 1.89 13.04
CA THR C 14 19.33 2.27 14.44
C THR C 14 18.64 3.62 14.65
N TYR C 15 17.89 3.74 15.73
CA TYR C 15 17.12 4.94 16.02
C TYR C 15 17.33 5.32 17.48
N GLN C 16 17.89 6.51 17.71
CA GLN C 16 18.14 6.97 19.07
C GLN C 16 18.89 5.93 19.91
N GLY C 17 19.87 5.31 19.28
CA GLY C 17 20.73 4.35 19.96
C GLY C 17 20.15 2.95 20.01
N ILE C 18 18.90 2.80 19.56
CA ILE C 18 18.26 1.49 19.60
C ILE C 18 18.30 0.80 18.24
N SER C 19 18.92 -0.38 18.20
CA SER C 19 19.02 -1.14 16.96
C SER C 19 18.00 -2.27 16.97
N PRO C 20 17.32 -2.48 15.83
CA PRO C 20 16.43 -3.65 15.73
C PRO C 20 17.19 -4.94 16.09
N LYS C 21 16.54 -5.82 16.85
CA LYS C 21 17.16 -7.08 17.24
C LYS C 21 16.56 -8.21 16.39
N LEU C 22 17.41 -8.90 15.63
CA LEU C 22 16.94 -9.96 14.74
C LEU C 22 17.43 -11.32 15.23
N GLY C 23 16.54 -12.31 15.22
CA GLY C 23 16.90 -13.66 15.57
C GLY C 23 17.73 -14.33 14.50
N GLU C 24 17.83 -15.66 14.58
CA GLU C 24 18.59 -16.42 13.60
C GLU C 24 17.85 -16.56 12.28
N ARG C 25 18.59 -16.42 11.18
CA ARG C 25 18.07 -16.67 9.84
C ARG C 25 16.89 -15.75 9.49
N VAL C 26 16.92 -14.52 9.98
CA VAL C 26 15.88 -13.57 9.61
C VAL C 26 16.15 -13.01 8.22
N PHE C 27 15.11 -13.00 7.38
CA PHE C 27 15.23 -12.35 6.07
C PHE C 27 14.60 -10.96 6.11
N VAL C 28 15.39 -9.94 5.79
CA VAL C 28 14.87 -8.60 5.57
C VAL C 28 15.29 -8.17 4.16
N ASP C 29 14.31 -7.98 3.27
CA ASP C 29 14.66 -7.58 1.91
C ASP C 29 15.33 -6.23 1.97
N ARG C 30 16.26 -5.99 1.05
CA ARG C 30 17.04 -4.76 1.06
C ARG C 30 16.15 -3.51 0.87
N SER C 31 14.97 -3.73 0.31
CA SER C 31 14.03 -2.64 0.01
C SER C 31 13.03 -2.37 1.14
N SER C 32 13.08 -3.19 2.19
CA SER C 32 12.24 -3.00 3.37
C SER C 32 12.86 -1.94 4.28
N VAL C 33 12.05 -1.40 5.18
CA VAL C 33 12.56 -0.42 6.13
C VAL C 33 12.12 -0.79 7.53
N ILE C 34 13.08 -1.17 8.38
CA ILE C 34 12.82 -1.45 9.78
C ILE C 34 13.56 -0.44 10.64
N ILE C 35 12.87 0.21 11.55
CA ILE C 35 13.47 1.31 12.32
C ILE C 35 13.32 1.11 13.83
N GLY C 36 14.45 1.17 14.54
CA GLY C 36 14.41 1.34 15.98
C GLY C 36 14.04 0.15 16.86
N ASP C 37 13.06 0.34 17.72
CA ASP C 37 12.78 -0.56 18.83
C ASP C 37 11.89 -1.73 18.35
N VAL C 38 12.49 -2.58 17.53
CA VAL C 38 11.81 -3.70 16.90
C VAL C 38 12.61 -4.98 17.20
N GLU C 39 11.91 -6.05 17.53
CA GLU C 39 12.54 -7.36 17.64
C GLU C 39 11.81 -8.36 16.76
N LEU C 40 12.57 -9.16 16.03
CA LEU C 40 12.04 -10.24 15.23
C LEU C 40 12.66 -11.55 15.66
N GLY C 41 11.83 -12.59 15.82
CA GLY C 41 12.34 -13.90 16.21
C GLY C 41 12.97 -14.70 15.07
N ASP C 42 13.50 -15.87 15.42
CA ASP C 42 14.14 -16.73 14.43
C ASP C 42 13.22 -16.96 13.23
N ASP C 43 13.80 -16.97 12.03
CA ASP C 43 13.11 -17.41 10.82
C ASP C 43 12.02 -16.47 10.33
N CYS C 44 11.97 -15.25 10.87
CA CYS C 44 11.01 -14.26 10.36
C CYS C 44 11.43 -13.76 8.99
N SER C 45 10.49 -13.16 8.27
CA SER C 45 10.79 -12.63 6.95
C SER C 45 10.05 -11.32 6.75
N VAL C 46 10.76 -10.33 6.22
CA VAL C 46 10.19 -9.03 5.92
C VAL C 46 10.42 -8.79 4.43
N TRP C 47 9.34 -8.66 3.68
CA TRP C 47 9.36 -8.73 2.22
C TRP C 47 9.46 -7.35 1.55
N PRO C 48 9.65 -7.31 0.22
CA PRO C 48 9.89 -6.01 -0.41
C PRO C 48 8.91 -4.89 -0.03
N LEU C 49 9.49 -3.74 0.29
CA LEU C 49 8.73 -2.51 0.49
C LEU C 49 7.77 -2.56 1.67
N ALA C 50 8.09 -3.39 2.66
CA ALA C 50 7.38 -3.36 3.94
C ALA C 50 8.08 -2.39 4.88
N VAL C 51 7.32 -1.81 5.80
CA VAL C 51 7.86 -0.87 6.78
C VAL C 51 7.49 -1.36 8.18
N ILE C 52 8.48 -1.44 9.07
CA ILE C 52 8.20 -1.72 10.49
C ILE C 52 8.87 -0.61 11.29
N ARG C 53 8.07 0.34 11.77
CA ARG C 53 8.60 1.58 12.33
C ARG C 53 8.41 1.66 13.84
N GLY C 54 9.43 1.26 14.60
CA GLY C 54 9.35 1.29 16.05
C GLY C 54 10.05 2.50 16.65
N ASP C 55 9.54 3.68 16.33
CA ASP C 55 10.15 4.91 16.83
C ASP C 55 9.53 5.38 18.14
N MET C 56 8.22 5.60 18.14
CA MET C 56 7.54 6.13 19.31
C MET C 56 7.03 5.07 20.30
N HIS C 57 7.22 3.80 19.97
CA HIS C 57 6.82 2.72 20.88
C HIS C 57 7.50 1.44 20.42
N HIS C 58 7.37 0.36 21.20
CA HIS C 58 8.04 -0.87 20.84
C HIS C 58 7.23 -1.83 19.96
N ILE C 59 7.94 -2.63 19.19
CA ILE C 59 7.36 -3.63 18.29
C ILE C 59 8.04 -4.97 18.57
N ARG C 60 7.26 -6.01 18.83
CA ARG C 60 7.84 -7.31 19.12
C ARG C 60 7.16 -8.35 18.24
N ILE C 61 7.96 -9.10 17.49
CA ILE C 61 7.46 -10.13 16.60
C ILE C 61 8.10 -11.47 16.95
N GLY C 62 7.29 -12.54 17.00
CA GLY C 62 7.78 -13.86 17.38
C GLY C 62 8.56 -14.58 16.28
N ALA C 63 8.61 -15.91 16.35
CA ALA C 63 9.38 -16.70 15.38
C ALA C 63 8.55 -17.17 14.19
N ARG C 64 9.18 -17.29 13.03
CA ARG C 64 8.57 -17.86 11.82
C ARG C 64 7.36 -17.05 11.35
N THR C 65 7.45 -15.74 11.51
CA THR C 65 6.38 -14.85 11.11
C THR C 65 6.81 -14.06 9.88
N SER C 66 5.92 -13.95 8.89
CA SER C 66 6.22 -13.15 7.71
C SER C 66 5.47 -11.83 7.72
N VAL C 67 6.14 -10.80 7.22
CA VAL C 67 5.55 -9.46 7.06
C VAL C 67 5.64 -9.16 5.57
N GLN C 68 4.55 -9.40 4.87
CA GLN C 68 4.62 -9.44 3.40
C GLN C 68 4.63 -8.08 2.70
N ASP C 69 4.82 -8.12 1.39
CA ASP C 69 5.14 -6.95 0.59
C ASP C 69 4.18 -5.81 0.80
N GLY C 70 4.72 -4.61 1.03
CA GLY C 70 3.92 -3.41 1.13
C GLY C 70 3.17 -3.22 2.45
N SER C 71 3.38 -4.12 3.41
CA SER C 71 2.75 -3.99 4.73
C SER C 71 3.37 -2.82 5.49
N VAL C 72 2.58 -2.21 6.36
CA VAL C 72 3.09 -1.20 7.25
C VAL C 72 2.68 -1.57 8.65
N LEU C 73 3.69 -1.65 9.53
CA LEU C 73 3.47 -1.97 10.94
C LEU C 73 3.92 -0.78 11.75
N HIS C 74 3.02 -0.24 12.57
CA HIS C 74 3.37 0.94 13.36
C HIS C 74 2.62 0.93 14.69
N ILE C 75 2.76 2.03 15.43
CA ILE C 75 2.39 2.09 16.83
C ILE C 75 1.84 3.46 17.17
N THR C 76 1.33 3.63 18.40
CA THR C 76 0.80 4.91 18.82
C THR C 76 1.55 5.42 20.05
N HIS C 77 2.03 6.66 19.96
CA HIS C 77 2.80 7.21 21.08
C HIS C 77 1.92 7.48 22.31
N ALA C 78 2.53 7.39 23.48
CA ALA C 78 1.84 7.69 24.73
C ALA C 78 1.61 9.19 24.87
N SER C 79 0.37 9.57 25.12
CA SER C 79 0.03 10.97 25.37
C SER C 79 -1.31 11.03 26.12
N ASP C 80 -1.77 12.23 26.42
CA ASP C 80 -3.07 12.37 27.06
C ASP C 80 -4.21 11.91 26.16
N TYR C 81 -3.98 11.89 24.85
CA TYR C 81 -5.00 11.42 23.90
C TYR C 81 -5.05 9.89 23.88
N ASN C 82 -3.92 9.27 24.22
CA ASN C 82 -3.85 7.82 24.32
C ASN C 82 -2.89 7.41 25.44
N PRO C 83 -3.35 7.48 26.71
CA PRO C 83 -2.45 7.23 27.84
C PRO C 83 -1.72 5.90 27.72
N GLY C 84 -0.41 5.93 27.82
CA GLY C 84 0.39 4.72 27.71
C GLY C 84 0.74 4.29 26.29
N GLY C 85 0.07 4.86 25.31
CA GLY C 85 0.30 4.50 23.91
C GLY C 85 -0.11 3.09 23.56
N TYR C 86 0.23 2.65 22.35
CA TYR C 86 -0.08 1.29 21.91
C TYR C 86 1.13 0.69 21.20
N PRO C 87 1.81 -0.26 21.85
CA PRO C 87 2.89 -0.98 21.17
C PRO C 87 2.28 -2.01 20.19
N LEU C 88 3.13 -2.69 19.44
CA LEU C 88 2.67 -3.70 18.49
C LEU C 88 3.32 -5.03 18.85
N ILE C 89 2.50 -6.02 19.20
CA ILE C 89 2.99 -7.34 19.65
C ILE C 89 2.42 -8.42 18.76
N ILE C 90 3.29 -9.22 18.16
CA ILE C 90 2.89 -10.25 17.19
C ILE C 90 3.57 -11.56 17.55
N GLY C 91 2.82 -12.66 17.51
CA GLY C 91 3.32 -13.96 17.96
C GLY C 91 4.10 -14.76 16.92
N ASP C 92 4.15 -16.07 17.13
CA ASP C 92 4.89 -17.00 16.27
C ASP C 92 3.97 -17.54 15.18
N ASP C 93 4.57 -17.96 14.06
CA ASP C 93 3.83 -18.61 12.98
C ASP C 93 2.66 -17.76 12.49
N VAL C 94 2.89 -16.46 12.41
CA VAL C 94 1.87 -15.53 11.91
C VAL C 94 2.21 -15.17 10.47
N THR C 95 1.22 -15.21 9.60
CA THR C 95 1.40 -14.87 8.19
C THR C 95 0.71 -13.55 7.96
N ILE C 96 1.49 -12.49 7.76
CA ILE C 96 0.90 -11.17 7.54
C ILE C 96 0.90 -10.88 6.04
N GLY C 97 -0.29 -10.85 5.43
CA GLY C 97 -0.43 -10.75 3.99
C GLY C 97 0.01 -9.42 3.40
N HIS C 98 0.20 -9.42 2.08
CA HIS C 98 0.63 -8.22 1.36
C HIS C 98 -0.23 -7.01 1.72
N GLN C 99 0.43 -5.87 1.88
CA GLN C 99 -0.25 -4.60 2.03
C GLN C 99 -1.09 -4.53 3.29
N ALA C 100 -0.75 -5.32 4.30
CA ALA C 100 -1.48 -5.25 5.57
C ALA C 100 -1.16 -3.93 6.25
N MET C 101 -2.04 -3.51 7.14
CA MET C 101 -1.86 -2.30 7.92
C MET C 101 -2.11 -2.70 9.37
N LEU C 102 -1.03 -2.81 10.15
CA LEU C 102 -1.12 -3.23 11.55
C LEU C 102 -0.68 -2.06 12.43
N HIS C 103 -1.55 -1.64 13.33
CA HIS C 103 -1.28 -0.45 14.11
C HIS C 103 -1.60 -0.67 15.59
N GLY C 104 -0.58 -0.68 16.44
CA GLY C 104 -0.77 -0.72 17.89
C GLY C 104 -1.63 -1.87 18.40
N CYS C 105 -1.56 -3.01 17.73
CA CYS C 105 -2.43 -4.12 18.08
C CYS C 105 -1.65 -5.32 18.65
N THR C 106 -2.39 -6.32 19.11
CA THR C 106 -1.77 -7.54 19.63
C THR C 106 -2.29 -8.74 18.84
N ILE C 107 -1.35 -9.54 18.34
CA ILE C 107 -1.70 -10.73 17.56
C ILE C 107 -1.03 -11.96 18.18
N GLY C 108 -1.81 -13.02 18.36
CA GLY C 108 -1.30 -14.24 18.99
C GLY C 108 -0.46 -15.11 18.07
N ASN C 109 -0.40 -16.40 18.37
CA ASN C 109 0.37 -17.35 17.56
C ASN C 109 -0.54 -18.05 16.55
N ARG C 110 0.04 -18.46 15.41
CA ARG C 110 -0.69 -19.21 14.39
C ARG C 110 -1.93 -18.46 13.89
N VAL C 111 -1.67 -17.37 13.18
CA VAL C 111 -2.72 -16.47 12.73
C VAL C 111 -2.45 -16.13 11.27
N LEU C 112 -3.52 -16.07 10.47
CA LEU C 112 -3.45 -15.63 9.08
C LEU C 112 -4.04 -14.24 9.00
N ILE C 113 -3.22 -13.25 8.64
CA ILE C 113 -3.71 -11.89 8.41
C ILE C 113 -3.82 -11.70 6.88
N GLY C 114 -5.05 -11.60 6.37
CA GLY C 114 -5.27 -11.54 4.95
C GLY C 114 -4.66 -10.31 4.31
N MET C 115 -4.28 -10.42 3.03
CA MET C 115 -3.72 -9.28 2.35
C MET C 115 -4.68 -8.09 2.39
N LYS C 116 -4.12 -6.90 2.52
CA LYS C 116 -4.91 -5.67 2.50
C LYS C 116 -5.86 -5.53 3.69
N SER C 117 -5.63 -6.30 4.76
CA SER C 117 -6.44 -6.13 5.95
C SER C 117 -5.82 -5.08 6.88
N MET C 118 -6.60 -4.59 7.83
CA MET C 118 -6.16 -3.52 8.72
C MET C 118 -6.58 -3.85 10.14
N ILE C 119 -5.62 -3.80 11.06
CA ILE C 119 -5.88 -4.12 12.46
C ILE C 119 -5.46 -2.90 13.27
N MET C 120 -6.40 -2.36 14.05
CA MET C 120 -6.22 -1.02 14.62
C MET C 120 -5.86 -1.02 16.12
N ASP C 121 -5.61 0.17 16.67
CA ASP C 121 -5.06 0.30 18.03
C ASP C 121 -5.85 -0.47 19.08
N GLY C 122 -5.14 -1.27 19.87
CA GLY C 122 -5.73 -1.96 21.00
C GLY C 122 -6.52 -3.21 20.63
N ALA C 123 -6.64 -3.50 19.34
CA ALA C 123 -7.30 -4.72 18.90
C ALA C 123 -6.48 -5.91 19.40
N ILE C 124 -7.17 -7.03 19.65
CA ILE C 124 -6.49 -8.22 20.10
C ILE C 124 -6.93 -9.38 19.24
N VAL C 125 -5.98 -9.99 18.54
CA VAL C 125 -6.29 -11.18 17.73
C VAL C 125 -5.74 -12.40 18.46
N GLU C 126 -6.60 -13.32 18.86
CA GLU C 126 -6.17 -14.48 19.63
C GLU C 126 -5.52 -15.54 18.75
N ASP C 127 -4.99 -16.60 19.36
CA ASP C 127 -4.36 -17.68 18.62
C ASP C 127 -5.32 -18.32 17.61
N GLU C 128 -4.80 -18.77 16.49
CA GLU C 128 -5.57 -19.59 15.54
C GLU C 128 -6.81 -18.89 15.00
N VAL C 129 -6.60 -17.67 14.51
CA VAL C 129 -7.65 -16.87 13.90
C VAL C 129 -7.26 -16.61 12.45
N ILE C 130 -8.27 -16.56 11.57
CA ILE C 130 -8.05 -16.12 10.20
C ILE C 130 -8.76 -14.77 10.03
N VAL C 131 -8.02 -13.75 9.60
CA VAL C 131 -8.64 -12.49 9.21
C VAL C 131 -8.65 -12.44 7.69
N ALA C 132 -9.84 -12.40 7.09
CA ALA C 132 -9.95 -12.43 5.63
C ALA C 132 -9.31 -11.20 4.98
N ALA C 133 -8.86 -11.36 3.74
CA ALA C 133 -8.30 -10.25 2.98
C ALA C 133 -9.26 -9.06 3.02
N GLY C 134 -8.70 -7.87 3.17
CA GLY C 134 -9.47 -6.62 3.11
C GLY C 134 -10.29 -6.29 4.35
N ALA C 135 -10.20 -7.14 5.38
CA ALA C 135 -10.99 -6.92 6.58
C ALA C 135 -10.45 -5.75 7.40
N THR C 136 -11.31 -5.11 8.16
CA THR C 136 -10.87 -4.07 9.08
C THR C 136 -11.30 -4.43 10.49
N VAL C 137 -10.31 -4.61 11.36
CA VAL C 137 -10.56 -4.92 12.77
C VAL C 137 -10.46 -3.63 13.55
N SER C 138 -11.59 -3.18 14.10
CA SER C 138 -11.69 -1.88 14.76
C SER C 138 -10.90 -1.77 16.06
N PRO C 139 -10.61 -0.53 16.49
CA PRO C 139 -9.84 -0.35 17.72
C PRO C 139 -10.48 -1.09 18.90
N GLY C 140 -9.68 -1.86 19.62
CA GLY C 140 -10.14 -2.55 20.83
C GLY C 140 -10.94 -3.81 20.60
N LYS C 141 -11.15 -4.16 19.34
CA LYS C 141 -11.90 -5.37 19.01
C LYS C 141 -11.13 -6.62 19.39
N VAL C 142 -11.81 -7.61 19.93
CA VAL C 142 -11.16 -8.87 20.23
C VAL C 142 -11.64 -9.93 19.24
N LEU C 143 -10.69 -10.60 18.58
CA LEU C 143 -11.04 -11.71 17.70
C LEU C 143 -10.82 -13.02 18.45
N GLU C 144 -11.89 -13.80 18.60
CA GLU C 144 -11.87 -15.03 19.37
C GLU C 144 -11.12 -16.15 18.67
N SER C 145 -10.27 -16.84 19.43
CA SER C 145 -9.49 -17.96 18.95
C SER C 145 -10.35 -18.98 18.21
N GLY C 146 -9.86 -19.42 17.05
CA GLY C 146 -10.46 -20.53 16.33
C GLY C 146 -11.53 -20.12 15.36
N PHE C 147 -11.61 -18.82 15.06
CA PHE C 147 -12.63 -18.34 14.13
C PHE C 147 -12.07 -17.58 12.91
N VAL C 148 -12.88 -17.50 11.87
CA VAL C 148 -12.60 -16.69 10.69
C VAL C 148 -13.39 -15.39 10.79
N TYR C 149 -12.72 -14.26 10.56
CA TYR C 149 -13.38 -12.95 10.57
C TYR C 149 -13.26 -12.27 9.22
N MET C 150 -14.29 -11.54 8.84
CA MET C 150 -14.35 -10.96 7.50
C MET C 150 -15.16 -9.67 7.51
N GLY C 151 -14.78 -8.73 6.64
CA GLY C 151 -15.57 -7.53 6.41
C GLY C 151 -15.10 -6.25 7.09
N THR C 152 -15.82 -5.17 6.84
CA THR C 152 -15.52 -3.89 7.46
C THR C 152 -16.80 -3.28 8.05
N PRO C 153 -16.94 -3.36 9.38
CA PRO C 153 -15.96 -3.90 10.34
C PRO C 153 -15.99 -5.43 10.35
N ALA C 154 -14.91 -6.03 10.81
CA ALA C 154 -14.77 -7.48 10.76
C ALA C 154 -15.76 -8.16 11.70
N LYS C 155 -16.44 -9.17 11.17
CA LYS C 155 -17.41 -9.96 11.92
C LYS C 155 -17.06 -11.43 11.81
N LYS C 156 -17.39 -12.18 12.85
CA LYS C 156 -17.22 -13.63 12.88
C LYS C 156 -18.07 -14.31 11.81
N VAL C 157 -17.40 -15.10 10.97
CA VAL C 157 -18.06 -15.80 9.87
C VAL C 157 -18.35 -17.26 10.22
N ARG C 158 -17.38 -17.91 10.86
CA ARG C 158 -17.49 -19.33 11.14
C ARG C 158 -16.23 -19.79 11.87
N PRO C 159 -16.29 -20.96 12.50
CA PRO C 159 -15.05 -21.49 13.06
C PRO C 159 -14.10 -21.91 11.93
N ILE C 160 -12.80 -21.93 12.21
CA ILE C 160 -11.85 -22.47 11.25
C ILE C 160 -12.05 -23.98 11.17
N THR C 161 -11.61 -24.56 10.05
CA THR C 161 -11.67 -26.01 9.87
C THR C 161 -10.36 -26.63 10.32
N GLU C 162 -10.32 -27.96 10.39
CA GLU C 162 -9.11 -28.66 10.77
C GLU C 162 -8.01 -28.46 9.73
N LYS C 163 -8.39 -28.43 8.46
CA LYS C 163 -7.44 -28.15 7.39
C LYS C 163 -6.83 -26.75 7.58
N GLU C 164 -7.67 -25.78 7.95
CA GLU C 164 -7.18 -24.41 8.15
C GLU C 164 -6.29 -24.32 9.36
N ARG C 165 -6.62 -25.06 10.41
CA ARG C 165 -5.80 -25.06 11.61
C ARG C 165 -4.42 -25.60 11.26
N SER C 166 -4.39 -26.63 10.43
CA SER C 166 -3.12 -27.21 10.00
C SER C 166 -2.33 -26.21 9.18
N PHE C 167 -3.04 -25.43 8.38
CA PHE C 167 -2.40 -24.51 7.45
C PHE C 167 -1.60 -23.42 8.16
N PHE C 168 -1.99 -23.03 9.38
CA PHE C 168 -1.27 -21.97 10.10
C PHE C 168 0.21 -22.31 10.14
N THR C 169 0.51 -23.54 10.56
CA THR C 169 1.88 -24.02 10.68
C THR C 169 2.50 -24.36 9.33
N TYR C 170 1.77 -25.05 8.47
CA TYR C 170 2.28 -25.37 7.13
C TYR C 170 2.59 -24.13 6.29
N GLY C 171 1.65 -23.17 6.27
CA GLY C 171 1.82 -21.96 5.49
C GLY C 171 2.98 -21.10 6.00
N ALA C 172 3.06 -20.92 7.31
CA ALA C 172 4.21 -20.23 7.89
C ALA C 172 5.48 -21.02 7.52
N GLY C 173 5.39 -22.35 7.55
CA GLY C 173 6.49 -23.20 7.16
C GLY C 173 6.91 -22.99 5.71
N ASN C 174 5.93 -22.81 4.83
CA ASN C 174 6.24 -22.56 3.43
CA ASN C 174 6.20 -22.51 3.43
C ASN C 174 6.98 -21.23 3.27
N TYR C 175 6.56 -20.22 4.03
CA TYR C 175 7.23 -18.92 3.96
C TYR C 175 8.63 -18.96 4.56
N VAL C 176 8.85 -19.79 5.58
CA VAL C 176 10.21 -20.03 6.05
C VAL C 176 11.08 -20.62 4.94
N ARG C 177 10.58 -21.63 4.22
CA ARG C 177 11.35 -22.19 3.11
C ARG C 177 11.59 -21.14 2.03
N LEU C 178 10.58 -20.31 1.78
CA LEU C 178 10.69 -19.31 0.73
C LEU C 178 11.73 -18.25 1.10
N LYS C 179 11.66 -17.74 2.33
CA LYS C 179 12.61 -16.70 2.72
C LYS C 179 14.03 -17.26 2.72
N ASP C 180 14.17 -18.56 2.94
CA ASP C 180 15.50 -19.16 2.86
C ASP C 180 16.03 -19.15 1.42
N LYS C 181 15.13 -19.29 0.45
CA LYS C 181 15.52 -19.18 -0.96
C LYS C 181 15.92 -17.74 -1.29
N HIS C 182 15.17 -16.78 -0.77
CA HIS C 182 15.49 -15.37 -0.99
C HIS C 182 16.81 -14.99 -0.30
N LEU C 183 17.04 -15.57 0.88
CA LEU C 183 18.32 -15.37 1.55
C LEU C 183 19.48 -15.94 0.73
N ALA C 184 19.27 -17.09 0.12
CA ALA C 184 20.31 -17.68 -0.72
C ALA C 184 20.63 -16.80 -1.93
N GLU C 185 19.65 -16.02 -2.39
CA GLU C 185 19.87 -15.10 -3.50
C GLU C 185 20.59 -13.83 -3.07
N GLY C 186 20.68 -13.60 -1.77
CA GLY C 186 21.36 -12.41 -1.25
C GLY C 186 20.57 -11.12 -1.34
N TYR C 187 19.24 -11.25 -1.38
CA TYR C 187 18.34 -10.11 -1.53
C TYR C 187 18.34 -9.17 -0.32
N ASP C 188 18.97 -9.62 0.78
CA ASP C 188 19.01 -8.83 2.00
C ASP C 188 20.29 -8.00 2.09
N ARG C 189 21.19 -8.22 1.14
CA ARG C 189 22.49 -7.56 1.19
C ARG C 189 22.53 -6.36 0.24
#